data_6RQR
#
_entry.id   6RQR
#
_cell.length_a   84.950
_cell.length_b   85.039
_cell.length_c   89.580
_cell.angle_alpha   90.000
_cell.angle_beta   90.000
_cell.angle_gamma   90.000
#
_symmetry.space_group_name_H-M   'I 21 21 21'
#
loop_
_entity.id
_entity.type
_entity.pdbx_description
1 polymer 'Na(+)/H(+) exchange regulatory cofactor NHE-RF1,Cystic fibrosis transmembrane conductance regulator'
2 water water
#
_entity_poly.entity_id   1
_entity_poly.type   'polypeptide(L)'
_entity_poly.pdbx_seq_one_letter_code
;MAEEHHHHHHHHLEVLFQGPLRPRLCTMKKGPSGYGFNLHSDKSKPGQFIRSVDPDSPAEASGLRAQDRIVEVNGVCMEG
KQHGDVVSAIRAGGDETKLLVVDRETDEFFKKCRVIPSQEHLNGPLPVPFTNGEIQKENSDTRL
;
_entity_poly.pdbx_strand_id   A,B
#
# COMPACT_ATOMS: atom_id res chain seq x y z
N PRO A 20 9.86 27.86 -18.41
CA PRO A 20 9.94 26.58 -19.12
C PRO A 20 8.57 26.15 -19.63
N LEU A 21 7.80 25.50 -18.78
CA LEU A 21 6.37 25.20 -19.03
C LEU A 21 6.10 24.10 -20.07
N ARG A 22 6.87 23.03 -20.03
CA ARG A 22 6.54 21.84 -20.81
C ARG A 22 6.52 20.66 -19.87
N PRO A 23 5.82 19.58 -20.22
CA PRO A 23 5.93 18.38 -19.39
C PRO A 23 7.26 17.71 -19.66
N ARG A 24 7.65 16.82 -18.75
CA ARG A 24 8.92 16.12 -18.85
C ARG A 24 8.67 14.62 -18.77
N LEU A 25 9.36 13.86 -19.61
CA LEU A 25 9.26 12.40 -19.60
C LEU A 25 10.42 11.84 -18.82
N CYS A 26 10.10 10.99 -17.84
CA CYS A 26 11.08 10.42 -16.93
C CYS A 26 11.17 8.92 -17.19
N THR A 27 12.24 8.51 -17.83
CA THR A 27 12.52 7.10 -18.10
C THR A 27 13.48 6.60 -17.03
N MET A 28 13.08 5.56 -16.30
CA MET A 28 13.90 5.06 -15.21
C MET A 28 13.84 3.56 -15.15
N LYS A 29 14.94 2.93 -14.74
CA LYS A 29 15.02 1.49 -14.61
C LYS A 29 15.09 1.10 -13.14
N LYS A 30 14.36 0.05 -12.77
CA LYS A 30 14.29 -0.35 -11.38
C LYS A 30 15.67 -0.72 -10.85
N GLY A 31 15.98 -0.21 -9.66
CA GLY A 31 17.22 -0.56 -9.01
C GLY A 31 17.03 -1.76 -8.12
N PRO A 32 18.05 -2.12 -7.34
CA PRO A 32 17.90 -3.27 -6.43
C PRO A 32 16.75 -3.10 -5.46
N SER A 33 16.52 -1.86 -4.99
CA SER A 33 15.42 -1.54 -4.10
C SER A 33 14.41 -0.57 -4.72
N GLY A 34 13.97 -0.84 -5.95
CA GLY A 34 12.98 -0.02 -6.60
C GLY A 34 13.50 1.25 -7.28
N TYR A 35 12.53 2.09 -7.67
CA TYR A 35 12.83 3.36 -8.31
C TYR A 35 13.33 4.41 -7.31
N GLY A 36 12.78 4.42 -6.09
CA GLY A 36 13.24 5.35 -5.09
C GLY A 36 12.55 6.71 -5.09
N PHE A 37 11.23 6.70 -4.95
CA PHE A 37 10.46 7.94 -4.82
C PHE A 37 9.12 7.61 -4.18
N ASN A 38 8.42 8.67 -3.76
CA ASN A 38 7.15 8.53 -3.05
C ASN A 38 6.03 9.19 -3.85
N LEU A 39 4.94 8.46 -4.03
CA LEU A 39 3.76 8.97 -4.72
C LEU A 39 2.67 9.22 -3.69
N HIS A 40 2.06 10.39 -3.73
CA HIS A 40 1.08 10.77 -2.73
C HIS A 40 -0.17 11.32 -3.40
N SER A 41 -1.32 11.09 -2.75
CA SER A 41 -2.56 11.69 -3.22
C SER A 41 -3.53 11.80 -2.05
N ASP A 42 -4.43 12.78 -2.11
CA ASP A 42 -5.43 12.94 -1.07
C ASP A 42 -6.67 13.60 -1.65
N LYS A 43 -7.71 13.66 -0.80
CA LYS A 43 -9.01 14.17 -1.19
C LYS A 43 -9.03 15.67 -1.40
N SER A 44 -8.05 16.39 -0.83
CA SER A 44 -8.00 17.83 -0.93
C SER A 44 -7.75 18.34 -2.35
N LYS A 45 -7.13 17.55 -3.21
CA LYS A 45 -6.81 17.98 -4.56
C LYS A 45 -6.82 16.77 -5.49
N PRO A 46 -7.04 16.98 -6.79
CA PRO A 46 -6.96 15.84 -7.72
C PRO A 46 -5.57 15.66 -8.28
N GLY A 47 -5.17 14.40 -8.45
CA GLY A 47 -3.90 14.07 -9.06
C GLY A 47 -2.92 13.30 -8.19
N GLN A 48 -1.98 12.60 -8.83
CA GLN A 48 -0.96 11.82 -8.14
C GLN A 48 0.34 12.60 -8.18
N PHE A 49 0.90 12.88 -7.02
CA PHE A 49 2.04 13.77 -6.91
C PHE A 49 3.25 13.04 -6.32
N ILE A 50 4.43 13.49 -6.73
CA ILE A 50 5.69 12.96 -6.20
C ILE A 50 5.99 13.73 -4.92
N ARG A 51 5.84 13.06 -3.78
CA ARG A 51 6.10 13.71 -2.50
C ARG A 51 7.60 13.81 -2.24
N SER A 52 8.35 12.78 -2.63
CA SER A 52 9.79 12.76 -2.37
C SER A 52 10.46 11.86 -3.39
N VAL A 53 11.71 12.18 -3.69
CA VAL A 53 12.58 11.35 -4.52
C VAL A 53 13.91 11.18 -3.77
N ASP A 54 14.34 9.93 -3.64
CA ASP A 54 15.56 9.65 -2.90
C ASP A 54 16.78 10.16 -3.66
N PRO A 55 17.81 10.64 -2.96
CA PRO A 55 19.05 11.02 -3.62
C PRO A 55 19.79 9.82 -4.20
N ASP A 56 20.46 10.08 -5.33
CA ASP A 56 21.24 9.05 -6.05
C ASP A 56 20.37 7.87 -6.47
N SER A 57 19.07 8.11 -6.66
CA SER A 57 18.12 7.09 -7.05
C SER A 57 17.92 7.11 -8.56
N PRO A 58 17.44 6.00 -9.13
CA PRO A 58 17.06 6.03 -10.56
C PRO A 58 16.01 7.08 -10.87
N ALA A 59 15.13 7.38 -9.92
CA ALA A 59 14.10 8.39 -10.17
C ALA A 59 14.71 9.78 -10.29
N GLU A 60 15.69 10.10 -9.45
CA GLU A 60 16.28 11.43 -9.48
C GLU A 60 17.13 11.63 -10.73
N ALA A 61 17.85 10.59 -11.17
CA ALA A 61 18.67 10.71 -12.37
C ALA A 61 17.82 10.97 -13.61
N SER A 62 16.63 10.36 -13.68
CA SER A 62 15.75 10.54 -14.82
C SER A 62 15.21 11.95 -14.93
N GLY A 63 15.33 12.77 -13.89
CA GLY A 63 14.78 14.11 -13.88
C GLY A 63 13.54 14.27 -13.05
N LEU A 64 13.12 13.24 -12.32
CA LEU A 64 11.93 13.35 -11.47
C LEU A 64 12.24 14.18 -10.23
N ARG A 65 11.31 15.06 -9.88
CA ARG A 65 11.48 15.96 -8.74
C ARG A 65 10.23 15.94 -7.89
N ALA A 66 10.38 16.36 -6.63
CA ALA A 66 9.24 16.45 -5.73
C ALA A 66 8.23 17.45 -6.26
N GLN A 67 6.96 17.22 -5.92
CA GLN A 67 5.81 18.03 -6.29
C GLN A 67 5.43 17.90 -7.76
N ASP A 68 6.08 17.01 -8.52
CA ASP A 68 5.62 16.71 -9.86
C ASP A 68 4.34 15.89 -9.80
N ARG A 69 3.47 16.10 -10.78
CA ARG A 69 2.23 15.34 -10.90
C ARG A 69 2.35 14.39 -12.08
N ILE A 70 1.95 13.15 -11.87
CA ILE A 70 2.02 12.13 -12.91
C ILE A 70 0.82 12.29 -13.83
N VAL A 71 1.09 12.40 -15.13
CA VAL A 71 0.05 12.55 -16.14
C VAL A 71 -0.09 11.28 -16.98
N GLU A 72 1.03 10.67 -17.35
CA GLU A 72 1.02 9.45 -18.14
C GLU A 72 2.04 8.48 -17.58
N VAL A 73 1.70 7.18 -17.65
CA VAL A 73 2.60 6.11 -17.24
C VAL A 73 2.72 5.18 -18.44
N ASN A 74 3.90 5.17 -19.07
CA ASN A 74 4.17 4.34 -20.24
C ASN A 74 3.14 4.58 -21.34
N GLY A 75 2.93 5.87 -21.66
CA GLY A 75 2.08 6.27 -22.74
C GLY A 75 0.59 6.19 -22.51
N VAL A 76 0.14 5.82 -21.32
CA VAL A 76 -1.28 5.71 -21.00
C VAL A 76 -1.67 6.84 -20.06
N CYS A 77 -2.72 7.57 -20.42
CA CYS A 77 -3.20 8.70 -19.64
C CYS A 77 -3.70 8.25 -18.26
N MET A 78 -3.40 9.07 -17.25
CA MET A 78 -3.79 8.77 -15.88
C MET A 78 -4.81 9.75 -15.31
N GLU A 79 -5.38 10.64 -16.14
CA GLU A 79 -6.34 11.61 -15.63
C GLU A 79 -7.64 10.91 -15.24
N GLY A 80 -8.11 11.18 -14.02
CA GLY A 80 -9.35 10.63 -13.52
C GLY A 80 -9.24 9.29 -12.81
N LYS A 81 -8.11 8.61 -12.91
CA LYS A 81 -7.94 7.31 -12.28
C LYS A 81 -7.51 7.47 -10.82
N GLN A 82 -7.74 6.42 -10.05
CA GLN A 82 -7.44 6.42 -8.62
C GLN A 82 -5.95 6.15 -8.39
N HIS A 83 -5.55 6.32 -7.13
CA HIS A 83 -4.15 6.16 -6.75
C HIS A 83 -3.67 4.73 -7.00
N GLY A 84 -4.44 3.74 -6.54
CA GLY A 84 -4.06 2.35 -6.73
C GLY A 84 -3.95 1.96 -8.19
N ASP A 85 -4.76 2.58 -9.05
CA ASP A 85 -4.68 2.31 -10.48
C ASP A 85 -3.34 2.77 -11.04
N VAL A 86 -2.90 3.97 -10.66
CA VAL A 86 -1.60 4.45 -11.09
C VAL A 86 -0.49 3.58 -10.52
N VAL A 87 -0.63 3.18 -9.25
CA VAL A 87 0.37 2.33 -8.61
C VAL A 87 0.45 0.98 -9.32
N SER A 88 -0.72 0.38 -9.57
CA SER A 88 -0.73 -0.89 -10.29
C SER A 88 -0.15 -0.73 -11.69
N ALA A 89 -0.38 0.42 -12.32
CA ALA A 89 0.16 0.65 -13.65
C ALA A 89 1.69 0.72 -13.63
N ILE A 90 2.24 1.30 -12.57
CA ILE A 90 3.69 1.40 -12.46
C ILE A 90 4.32 0.06 -12.12
N ARG A 91 3.70 -0.67 -11.18
CA ARG A 91 4.26 -1.96 -10.79
C ARG A 91 4.14 -2.99 -11.92
N ALA A 92 3.16 -2.84 -12.80
CA ALA A 92 2.96 -3.79 -13.88
C ALA A 92 3.86 -3.55 -15.08
N GLY A 93 4.66 -2.48 -15.08
CA GLY A 93 5.53 -2.24 -16.21
C GLY A 93 6.84 -2.99 -16.20
N GLY A 94 7.08 -3.85 -15.22
CA GLY A 94 8.34 -4.58 -15.18
C GLY A 94 9.45 -3.89 -14.41
N ASP A 95 10.64 -3.85 -15.00
CA ASP A 95 11.81 -3.25 -14.38
C ASP A 95 12.09 -1.85 -14.90
N GLU A 96 11.23 -1.33 -15.77
CA GLU A 96 11.36 -0.01 -16.35
C GLU A 96 10.00 0.69 -16.32
N THR A 97 10.05 2.02 -16.34
CA THR A 97 8.84 2.81 -16.42
C THR A 97 9.18 4.16 -17.05
N LYS A 98 8.18 4.73 -17.73
CA LYS A 98 8.31 6.03 -18.38
C LYS A 98 7.16 6.91 -17.90
N LEU A 99 7.47 7.91 -17.09
CA LEU A 99 6.47 8.77 -16.49
C LEU A 99 6.48 10.13 -17.18
N LEU A 100 5.31 10.57 -17.61
CA LEU A 100 5.11 11.92 -18.10
C LEU A 100 4.59 12.76 -16.93
N VAL A 101 5.35 13.79 -16.55
CA VAL A 101 5.03 14.55 -15.35
C VAL A 101 5.05 16.04 -15.68
N VAL A 102 4.37 16.81 -14.83
CA VAL A 102 4.33 18.26 -14.94
C VAL A 102 4.58 18.86 -13.57
N ASP A 103 5.41 19.91 -13.53
CA ASP A 103 5.56 20.69 -12.32
C ASP A 103 4.30 21.52 -12.10
N ARG A 104 4.25 22.21 -10.95
CA ARG A 104 3.03 22.95 -10.60
C ARG A 104 2.77 24.09 -11.58
N GLU A 105 3.81 24.84 -11.97
CA GLU A 105 3.59 25.96 -12.87
C GLU A 105 3.16 25.48 -14.25
N THR A 106 3.79 24.42 -14.75
CA THR A 106 3.29 23.81 -15.98
C THR A 106 1.88 23.27 -15.75
N ASP A 107 1.64 22.68 -14.58
CA ASP A 107 0.30 22.21 -14.25
C ASP A 107 -0.68 23.37 -14.13
N GLU A 108 -0.25 24.49 -13.53
CA GLU A 108 -1.10 25.67 -13.40
C GLU A 108 -1.35 26.36 -14.73
N PHE A 109 -0.57 26.03 -15.77
CA PHE A 109 -0.78 26.55 -17.11
C PHE A 109 -1.78 25.76 -17.94
N PHE A 110 -1.75 24.41 -17.86
CA PHE A 110 -2.58 23.59 -18.75
C PHE A 110 -4.05 23.60 -18.40
N LYS A 111 -4.40 23.78 -17.13
CA LYS A 111 -5.80 23.96 -16.76
C LYS A 111 -6.37 25.23 -17.39
N LYS A 112 -5.56 26.29 -17.46
CA LYS A 112 -5.98 27.53 -18.11
C LYS A 112 -6.19 27.33 -19.60
N CYS A 113 -5.47 26.38 -20.18
CA CYS A 113 -5.76 25.96 -21.54
C CYS A 113 -6.84 24.88 -21.59
N ARG A 114 -7.11 24.26 -20.44
CA ARG A 114 -8.08 23.19 -20.32
C ARG A 114 -7.69 22.02 -21.23
N VAL A 115 -6.40 21.70 -21.21
CA VAL A 115 -5.81 20.69 -22.08
C VAL A 115 -5.05 19.72 -21.20
N ILE A 116 -5.33 18.44 -21.36
CA ILE A 116 -4.57 17.42 -20.65
C ILE A 116 -3.22 17.27 -21.31
N PRO A 117 -2.11 17.37 -20.59
CA PRO A 117 -0.79 17.22 -21.22
C PRO A 117 -0.62 15.83 -21.82
N SER A 118 0.21 15.75 -22.84
N SER A 118 0.21 15.75 -22.84
CA SER A 118 0.45 14.51 -23.55
CA SER A 118 0.45 14.50 -23.53
C SER A 118 1.86 14.54 -24.11
C SER A 118 1.87 14.54 -24.11
N GLN A 119 2.24 13.47 -24.80
CA GLN A 119 3.53 13.42 -25.46
C GLN A 119 3.64 14.45 -26.57
N GLU A 120 2.50 14.92 -27.08
CA GLU A 120 2.49 15.95 -28.12
C GLU A 120 3.19 17.22 -27.65
N HIS A 121 3.10 17.55 -26.36
CA HIS A 121 3.66 18.78 -25.81
C HIS A 121 5.14 18.69 -25.42
N LEU A 122 5.77 17.52 -25.51
CA LEU A 122 7.19 17.45 -25.18
C LEU A 122 8.01 18.28 -26.16
N ASN A 123 7.70 18.17 -27.46
CA ASN A 123 8.39 18.85 -28.53
C ASN A 123 7.60 19.96 -29.20
N GLY A 124 6.34 19.70 -29.54
CA GLY A 124 5.55 20.56 -30.39
C GLY A 124 4.97 21.84 -29.81
N PRO A 125 4.12 22.50 -30.59
CA PRO A 125 3.50 23.75 -30.14
C PRO A 125 2.60 23.53 -28.93
N LEU A 126 2.65 24.46 -28.02
CA LEU A 126 1.89 24.44 -26.79
C LEU A 126 0.52 25.08 -26.99
N PRO A 127 -0.48 24.70 -26.20
CA PRO A 127 -1.82 25.27 -26.36
C PRO A 127 -1.88 26.73 -25.92
N VAL A 128 -2.96 27.38 -26.30
CA VAL A 128 -3.21 28.78 -25.99
C VAL A 128 -4.25 28.85 -24.85
N PRO A 129 -4.00 29.58 -23.79
CA PRO A 129 -4.97 29.63 -22.68
C PRO A 129 -6.25 30.35 -23.08
N PHE A 130 -7.31 30.04 -22.33
CA PHE A 130 -8.58 30.72 -22.49
C PHE A 130 -8.60 32.01 -21.69
N THR A 131 -9.23 33.04 -22.26
CA THR A 131 -9.38 34.32 -21.60
C THR A 131 -10.53 34.28 -20.58
N ASN A 132 -10.50 35.24 -19.66
CA ASN A 132 -11.54 35.32 -18.64
C ASN A 132 -12.90 35.57 -19.27
N GLY A 133 -12.95 36.33 -20.37
CA GLY A 133 -14.20 36.57 -21.06
C GLY A 133 -14.79 35.33 -21.69
N GLU A 134 -13.94 34.40 -22.14
CA GLU A 134 -14.45 33.15 -22.73
C GLU A 134 -15.04 32.24 -21.66
N ILE A 135 -14.41 32.20 -20.49
CA ILE A 135 -15.00 31.43 -19.39
C ILE A 135 -16.25 32.13 -18.86
N GLN A 136 -16.32 33.46 -19.04
CA GLN A 136 -17.50 34.22 -18.65
C GLN A 136 -18.74 33.78 -19.41
N LYS A 137 -18.56 33.39 -20.68
CA LYS A 137 -19.67 32.96 -21.52
C LYS A 137 -20.40 31.74 -20.96
N GLU A 138 -19.73 30.94 -20.15
CA GLU A 138 -20.28 29.70 -19.61
C GLU A 138 -20.81 28.82 -20.73
N ASN A 139 -19.97 28.64 -21.74
CA ASN A 139 -20.31 27.81 -22.88
C ASN A 139 -20.29 26.34 -22.48
N SER A 140 -21.18 25.57 -23.12
CA SER A 140 -21.17 24.13 -23.01
C SER A 140 -21.19 23.58 -24.43
N ASP A 141 -20.09 22.99 -24.86
CA ASP A 141 -19.94 22.48 -26.22
C ASP A 141 -19.62 21.01 -26.16
N THR A 142 -20.18 20.25 -27.09
CA THR A 142 -19.98 18.81 -27.14
C THR A 142 -19.96 18.36 -28.58
N ARG A 143 -18.94 17.60 -28.95
CA ARG A 143 -18.84 16.99 -30.28
C ARG A 143 -19.54 15.64 -30.24
N LEU A 144 -20.54 15.47 -31.11
CA LEU A 144 -21.31 14.23 -31.12
C LEU A 144 -21.28 13.58 -32.51
N PRO B 20 -0.02 -5.05 28.62
CA PRO B 20 0.89 -5.56 27.60
C PRO B 20 0.70 -4.98 26.18
N LEU B 21 -0.24 -5.61 25.46
CA LEU B 21 -0.64 -5.36 24.09
C LEU B 21 0.36 -5.87 23.08
N ARG B 22 1.30 -6.67 23.51
CA ARG B 22 2.21 -7.25 22.56
C ARG B 22 1.67 -8.63 22.23
N PRO B 23 2.09 -9.19 21.11
CA PRO B 23 1.69 -10.56 20.76
C PRO B 23 2.41 -11.56 21.64
N ARG B 24 1.95 -12.81 21.52
CA ARG B 24 2.52 -13.91 22.27
C ARG B 24 2.98 -15.00 21.30
N LEU B 25 4.14 -15.57 21.60
CA LEU B 25 4.67 -16.69 20.85
C LEU B 25 4.34 -17.98 21.58
N CYS B 26 3.73 -18.92 20.88
CA CYS B 26 3.31 -20.18 21.48
C CYS B 26 4.10 -21.30 20.82
N THR B 27 5.09 -21.82 21.54
CA THR B 27 5.89 -22.94 21.07
C THR B 27 5.31 -24.22 21.67
N MET B 28 4.92 -25.14 20.80
CA MET B 28 4.30 -26.38 21.26
C MET B 28 4.76 -27.53 20.38
N LYS B 29 4.84 -28.71 21.00
CA LYS B 29 5.26 -29.95 20.36
C LYS B 29 4.06 -30.89 20.25
N LYS B 30 3.95 -31.57 19.11
CA LYS B 30 2.82 -32.46 18.87
C LYS B 30 2.73 -33.54 19.94
N GLY B 31 1.51 -33.77 20.43
CA GLY B 31 1.27 -34.86 21.34
C GLY B 31 0.91 -36.10 20.57
N PRO B 32 0.51 -37.17 21.26
CA PRO B 32 0.11 -38.38 20.52
C PRO B 32 -1.07 -38.12 19.60
N SER B 33 -1.98 -37.23 20.00
CA SER B 33 -3.13 -36.82 19.19
C SER B 33 -3.08 -35.34 18.84
N GLY B 34 -1.91 -34.86 18.39
CA GLY B 34 -1.78 -33.48 17.99
C GLY B 34 -1.55 -32.49 19.12
N TYR B 35 -1.68 -31.21 18.73
CA TYR B 35 -1.53 -30.10 19.66
C TYR B 35 -2.73 -29.96 20.59
N GLY B 36 -3.93 -30.25 20.11
CA GLY B 36 -5.09 -30.17 20.96
C GLY B 36 -5.74 -28.79 20.95
N PHE B 37 -6.13 -28.34 19.76
CA PHE B 37 -6.89 -27.12 19.61
C PHE B 37 -7.58 -27.15 18.25
N ASN B 38 -8.58 -26.29 18.09
CA ASN B 38 -9.38 -26.24 16.87
C ASN B 38 -9.29 -24.83 16.29
N LEU B 39 -9.05 -24.76 14.98
CA LEU B 39 -8.93 -23.50 14.26
C LEU B 39 -10.19 -23.25 13.44
N HIS B 40 -10.68 -22.01 13.48
CA HIS B 40 -11.92 -21.65 12.81
C HIS B 40 -11.75 -20.38 11.99
N SER B 41 -12.49 -20.31 10.88
CA SER B 41 -12.62 -19.12 10.07
C SER B 41 -13.92 -19.19 9.29
N ASP B 42 -14.48 -18.02 8.98
CA ASP B 42 -15.68 -17.94 8.17
C ASP B 42 -15.67 -16.61 7.43
N LYS B 43 -16.67 -16.42 6.57
CA LYS B 43 -16.69 -15.24 5.70
C LYS B 43 -16.94 -13.94 6.48
N SER B 44 -17.47 -14.03 7.71
CA SER B 44 -17.84 -12.82 8.43
C SER B 44 -16.65 -11.96 8.82
N LYS B 45 -15.47 -12.56 9.02
CA LYS B 45 -14.31 -11.87 9.44
C LYS B 45 -13.06 -12.45 8.78
N PRO B 46 -12.02 -11.65 8.60
CA PRO B 46 -10.76 -12.16 8.05
C PRO B 46 -9.83 -12.65 9.15
N GLY B 47 -9.14 -13.72 8.85
CA GLY B 47 -8.17 -14.22 9.82
C GLY B 47 -8.54 -15.61 10.31
N GLN B 48 -7.51 -16.28 10.85
CA GLN B 48 -7.65 -17.62 11.41
C GLN B 48 -7.66 -17.49 12.93
N PHE B 49 -8.72 -17.98 13.56
CA PHE B 49 -8.92 -17.79 14.99
C PHE B 49 -8.96 -19.13 15.69
N ILE B 50 -8.49 -19.13 16.94
CA ILE B 50 -8.51 -20.31 17.80
C ILE B 50 -9.87 -20.37 18.49
N ARG B 51 -10.71 -21.32 18.07
CA ARG B 51 -12.03 -21.44 18.69
C ARG B 51 -11.97 -22.13 20.05
N SER B 52 -11.09 -23.12 20.19
CA SER B 52 -11.02 -23.88 21.42
C SER B 52 -9.63 -24.46 21.60
N VAL B 53 -9.22 -24.62 22.85
CA VAL B 53 -7.98 -25.28 23.22
C VAL B 53 -8.29 -26.30 24.30
N ASP B 54 -7.84 -27.54 24.10
CA ASP B 54 -8.13 -28.58 25.06
C ASP B 54 -7.37 -28.34 26.36
N PRO B 55 -7.96 -28.72 27.49
CA PRO B 55 -7.23 -28.66 28.76
C PRO B 55 -6.10 -29.68 28.80
N ASP B 56 -5.01 -29.30 29.46
CA ASP B 56 -3.82 -30.14 29.61
C ASP B 56 -3.23 -30.53 28.24
N SER B 57 -3.45 -29.71 27.24
CA SER B 57 -2.96 -29.98 25.90
C SER B 57 -1.63 -29.28 25.67
N PRO B 58 -0.85 -29.74 24.68
CA PRO B 58 0.36 -28.99 24.33
C PRO B 58 0.08 -27.55 23.94
N ALA B 59 -1.09 -27.29 23.33
CA ALA B 59 -1.43 -25.93 22.96
C ALA B 59 -1.70 -25.06 24.18
N GLU B 60 -2.40 -25.60 25.19
CA GLU B 60 -2.75 -24.80 26.36
C GLU B 60 -1.53 -24.49 27.21
N ALA B 61 -0.60 -25.45 27.33
CA ALA B 61 0.60 -25.21 28.11
C ALA B 61 1.44 -24.11 27.50
N SER B 62 1.48 -24.04 26.16
CA SER B 62 2.26 -23.03 25.48
C SER B 62 1.74 -21.61 25.71
N GLY B 63 0.50 -21.48 26.21
CA GLY B 63 -0.10 -20.19 26.41
C GLY B 63 -1.17 -19.82 25.41
N LEU B 64 -1.56 -20.74 24.53
CA LEU B 64 -2.61 -20.45 23.56
C LEU B 64 -3.97 -20.42 24.25
N ARG B 65 -4.79 -19.44 23.85
CA ARG B 65 -6.11 -19.26 24.42
C ARG B 65 -7.14 -19.10 23.30
N ALA B 66 -8.39 -19.38 23.63
CA ALA B 66 -9.48 -19.19 22.68
C ALA B 66 -9.60 -17.72 22.29
N GLN B 67 -10.09 -17.49 21.07
CA GLN B 67 -10.29 -16.18 20.46
C GLN B 67 -8.99 -15.52 20.03
N ASP B 68 -7.86 -16.22 20.13
CA ASP B 68 -6.61 -15.71 19.57
C ASP B 68 -6.62 -15.81 18.06
N ARG B 69 -5.97 -14.85 17.40
CA ARG B 69 -5.83 -14.86 15.95
C ARG B 69 -4.39 -15.16 15.57
N ILE B 70 -4.22 -16.07 14.63
CA ILE B 70 -2.89 -16.50 14.19
C ILE B 70 -2.37 -15.51 13.14
N VAL B 71 -1.17 -14.96 13.39
CA VAL B 71 -0.55 -14.04 12.47
C VAL B 71 0.69 -14.63 11.81
N GLU B 72 1.49 -15.43 12.52
CA GLU B 72 2.68 -16.04 11.95
C GLU B 72 2.75 -17.51 12.33
N VAL B 73 3.25 -18.32 11.41
CA VAL B 73 3.47 -19.75 11.62
C VAL B 73 4.93 -20.04 11.29
N ASN B 74 5.72 -20.38 12.31
CA ASN B 74 7.14 -20.67 12.15
C ASN B 74 7.86 -19.51 11.47
N GLY B 75 7.62 -18.31 11.98
CA GLY B 75 8.30 -17.13 11.48
C GLY B 75 7.81 -16.63 10.14
N VAL B 76 6.79 -17.25 9.57
CA VAL B 76 6.25 -16.85 8.27
C VAL B 76 4.91 -16.19 8.51
N CYS B 77 4.79 -14.93 8.08
CA CYS B 77 3.55 -14.20 8.28
C CYS B 77 2.42 -14.83 7.45
N MET B 78 1.23 -14.89 8.04
CA MET B 78 0.08 -15.50 7.39
C MET B 78 -1.02 -14.49 7.05
N GLU B 79 -0.75 -13.19 7.17
CA GLU B 79 -1.75 -12.18 6.88
C GLU B 79 -2.04 -12.23 5.39
N GLY B 80 -3.32 -12.32 5.02
CA GLY B 80 -3.69 -12.45 3.62
C GLY B 80 -3.82 -13.87 3.12
N LYS B 81 -3.42 -14.86 3.93
CA LYS B 81 -3.48 -16.25 3.54
C LYS B 81 -4.86 -16.86 3.77
N GLN B 82 -5.13 -17.93 3.03
CA GLN B 82 -6.37 -18.68 3.16
C GLN B 82 -6.29 -19.64 4.35
N HIS B 83 -7.44 -20.22 4.70
CA HIS B 83 -7.46 -21.13 5.84
C HIS B 83 -6.61 -22.36 5.59
N GLY B 84 -6.78 -23.00 4.42
CA GLY B 84 -6.00 -24.18 4.11
C GLY B 84 -4.51 -23.93 4.04
N ASP B 85 -4.11 -22.71 3.66
CA ASP B 85 -2.69 -22.38 3.64
C ASP B 85 -2.10 -22.40 5.05
N VAL B 86 -2.81 -21.80 6.01
CA VAL B 86 -2.34 -21.79 7.38
C VAL B 86 -2.33 -23.20 7.95
N VAL B 87 -3.36 -23.99 7.65
CA VAL B 87 -3.42 -25.37 8.15
C VAL B 87 -2.28 -26.18 7.56
N SER B 88 -2.09 -26.10 6.26
CA SER B 88 -0.99 -26.82 5.61
C SER B 88 0.35 -26.37 6.15
N ALA B 89 0.49 -25.09 6.48
CA ALA B 89 1.74 -24.60 7.05
C ALA B 89 1.99 -25.19 8.43
N ILE B 90 0.93 -25.39 9.20
CA ILE B 90 1.09 -25.96 10.54
C ILE B 90 1.40 -27.45 10.45
N ARG B 91 0.71 -28.16 9.55
CA ARG B 91 0.95 -29.60 9.40
C ARG B 91 2.32 -29.89 8.82
N ALA B 92 2.86 -28.98 8.00
CA ALA B 92 4.13 -29.19 7.34
C ALA B 92 5.33 -28.84 8.23
N GLY B 93 5.10 -28.32 9.43
CA GLY B 93 6.17 -27.96 10.33
C GLY B 93 6.73 -29.11 11.15
N GLY B 94 6.27 -30.32 10.85
CA GLY B 94 6.74 -31.49 11.58
C GLY B 94 5.86 -31.75 12.79
N ASP B 95 6.50 -32.05 13.92
CA ASP B 95 5.77 -32.30 15.16
C ASP B 95 5.89 -31.13 16.14
N GLU B 96 6.51 -30.03 15.76
CA GLU B 96 6.65 -28.87 16.64
C GLU B 96 6.24 -27.63 15.86
N THR B 97 5.78 -26.61 16.58
CA THR B 97 5.37 -25.37 15.92
C THR B 97 5.51 -24.20 16.87
N LYS B 98 5.72 -23.02 16.28
CA LYS B 98 5.81 -21.76 17.01
C LYS B 98 4.80 -20.80 16.40
N LEU B 99 3.74 -20.51 17.14
CA LEU B 99 2.65 -19.67 16.65
C LEU B 99 2.73 -18.30 17.31
N LEU B 100 2.72 -17.26 16.47
CA LEU B 100 2.60 -15.90 16.96
C LEU B 100 1.13 -15.49 16.90
N VAL B 101 0.56 -15.14 18.06
CA VAL B 101 -0.87 -14.89 18.17
C VAL B 101 -1.10 -13.57 18.89
N VAL B 102 -2.30 -13.02 18.67
CA VAL B 102 -2.75 -11.80 19.34
C VAL B 102 -4.16 -12.03 19.85
N ASP B 103 -4.44 -11.54 21.05
CA ASP B 103 -5.80 -11.58 21.57
C ASP B 103 -6.66 -10.56 20.82
N ARG B 104 -7.95 -10.54 21.16
CA ARG B 104 -8.87 -9.64 20.46
C ARG B 104 -8.51 -8.19 20.71
N GLU B 105 -8.12 -7.87 21.95
CA GLU B 105 -7.76 -6.50 22.29
C GLU B 105 -6.45 -6.08 21.62
N THR B 106 -5.45 -6.97 21.61
CA THR B 106 -4.19 -6.68 20.93
C THR B 106 -4.39 -6.48 19.43
N ASP B 107 -5.27 -7.27 18.83
CA ASP B 107 -5.52 -7.13 17.40
C ASP B 107 -6.12 -5.77 17.07
N GLU B 108 -7.04 -5.27 17.91
CA GLU B 108 -7.67 -3.99 17.63
C GLU B 108 -6.71 -2.82 17.75
N PHE B 109 -5.61 -3.01 18.48
CA PHE B 109 -4.63 -1.95 18.64
C PHE B 109 -3.72 -1.88 17.43
N PHE B 110 -3.32 -3.04 16.91
CA PHE B 110 -2.46 -3.06 15.75
C PHE B 110 -3.26 -2.64 14.52
N LYS B 111 -4.58 -2.90 14.51
CA LYS B 111 -5.42 -2.34 13.46
C LYS B 111 -5.47 -0.82 13.51
N LYS B 112 -5.61 -0.26 14.72
CA LYS B 112 -5.59 1.20 14.83
C LYS B 112 -4.22 1.79 14.52
N CYS B 113 -3.16 1.00 14.67
CA CYS B 113 -1.83 1.41 14.23
C CYS B 113 -1.60 1.09 12.76
N ARG B 114 -2.44 0.24 12.17
CA ARG B 114 -2.28 -0.21 10.79
C ARG B 114 -0.92 -0.88 10.59
N VAL B 115 -0.55 -1.71 11.57
CA VAL B 115 0.74 -2.39 11.59
C VAL B 115 0.47 -3.86 11.85
N ILE B 116 1.04 -4.73 11.03
CA ILE B 116 0.93 -6.16 11.25
C ILE B 116 1.89 -6.57 12.37
N PRO B 117 1.43 -7.27 13.39
CA PRO B 117 2.34 -7.71 14.45
C PRO B 117 3.37 -8.70 13.92
N SER B 118 4.53 -8.72 14.58
CA SER B 118 5.63 -9.58 14.20
C SER B 118 6.40 -9.94 15.46
N GLN B 119 7.42 -10.79 15.30
CA GLN B 119 8.25 -11.16 16.44
C GLN B 119 8.89 -9.94 17.08
N GLU B 120 9.07 -8.87 16.30
CA GLU B 120 9.64 -7.63 16.81
C GLU B 120 8.79 -7.00 17.91
N HIS B 121 7.47 -7.21 17.87
CA HIS B 121 6.58 -6.67 18.88
C HIS B 121 6.47 -7.57 20.11
N LEU B 122 7.15 -8.72 20.12
CA LEU B 122 7.29 -9.45 21.37
C LEU B 122 8.18 -8.67 22.33
N ASN B 123 9.24 -8.06 21.81
CA ASN B 123 10.28 -7.36 22.56
C ASN B 123 10.32 -5.85 22.41
N GLY B 124 10.25 -5.32 21.17
CA GLY B 124 10.54 -3.94 20.90
C GLY B 124 9.41 -2.97 21.24
N PRO B 125 9.62 -1.70 20.90
CA PRO B 125 8.61 -0.66 21.17
C PRO B 125 7.35 -0.89 20.35
N LEU B 126 6.20 -0.57 20.95
CA LEU B 126 4.98 -0.78 20.18
C LEU B 126 4.67 0.42 19.29
N PRO B 127 3.96 0.20 18.18
CA PRO B 127 3.67 1.30 17.26
C PRO B 127 2.70 2.30 17.86
N VAL B 128 2.61 3.44 17.20
CA VAL B 128 1.73 4.53 17.61
C VAL B 128 0.51 4.52 16.74
N PRO B 129 -0.70 4.53 17.30
CA PRO B 129 -1.91 4.48 16.48
C PRO B 129 -2.10 5.75 15.65
N PHE B 130 -2.88 5.61 14.60
CA PHE B 130 -3.25 6.74 13.77
C PHE B 130 -4.42 7.49 14.40
N THR B 131 -4.37 8.81 14.32
CA THR B 131 -5.46 9.63 14.83
C THR B 131 -6.58 9.68 13.78
N ASN B 132 -7.81 9.94 14.25
CA ASN B 132 -8.93 10.01 13.33
C ASN B 132 -8.78 11.15 12.34
N GLY B 133 -8.18 12.27 12.77
CA GLY B 133 -7.97 13.38 11.86
C GLY B 133 -7.00 13.04 10.75
N GLU B 134 -6.00 12.21 11.04
CA GLU B 134 -5.08 11.75 10.00
C GLU B 134 -5.74 10.73 9.08
N ILE B 135 -6.57 9.84 9.64
CA ILE B 135 -7.34 8.91 8.83
C ILE B 135 -8.48 9.63 8.10
N GLN B 136 -8.98 10.73 8.68
CA GLN B 136 -10.04 11.48 8.02
C GLN B 136 -9.57 12.06 6.69
N LYS B 137 -8.28 12.42 6.62
CA LYS B 137 -7.70 12.91 5.38
C LYS B 137 -7.71 11.86 4.27
N GLU B 138 -7.80 10.57 4.63
CA GLU B 138 -7.76 9.41 3.72
C GLU B 138 -6.53 9.45 2.82
N ASN B 139 -5.36 9.69 3.42
CA ASN B 139 -4.15 9.79 2.60
C ASN B 139 -3.79 8.44 1.99
N SER B 140 -3.24 8.48 0.78
CA SER B 140 -2.74 7.29 0.08
C SER B 140 -1.31 7.57 -0.36
N ASP B 141 -0.37 6.87 0.25
CA ASP B 141 1.05 7.03 -0.02
C ASP B 141 1.62 5.67 -0.44
N THR B 142 2.59 5.68 -1.34
CA THR B 142 3.16 4.44 -1.85
C THR B 142 4.65 4.61 -2.08
N ARG B 143 5.41 3.65 -1.59
CA ARG B 143 6.85 3.60 -1.83
C ARG B 143 7.12 2.90 -3.15
N LEU B 144 7.80 3.60 -4.05
CA LEU B 144 8.11 3.05 -5.37
C LEU B 144 9.59 3.08 -5.66
#